data_5L20
#
_entry.id   5L20
#
_cell.length_a   79.207
_cell.length_b   102.885
_cell.length_c   84.186
_cell.angle_alpha   90.00
_cell.angle_beta   90.00
_cell.angle_gamma   90.00
#
_symmetry.space_group_name_H-M   'C 2 2 21'
#
loop_
_entity.id
_entity.type
_entity.pdbx_description
1 polymer 'Clostripain-related protein'
2 polymer 'Clostripain-related protein'
3 polymer 'Peptide Inhibitor BTN-VLTK-AOMK'
4 water water
#
loop_
_entity_poly.entity_id
_entity_poly.type
_entity_poly.pdbx_seq_one_letter_code
_entity_poly.pdbx_strand_id
1 'polypeptide(L)'
;EEPVPVPTEQTVFMYLPWSDNLTSNFYQNISDLESVVEKNILKDERIIIFMCTTATKATLFELAYENGKSVHKTLKNYTD
PAYTTAEGITSILNDVQRYSPTKRYSMVIGCHGMGWIPVSNSKSRSGLRTKMHWEYENVPMTR
;
A
2 'polypeptide(L)'
;YFGGLNAQYQTDITTLAKGISNAGLKMEYILFDDCYMSSIEVAYALKDVTDYLIGSTSEVMAYGMPYAEIGQYLIGKVDY
AGICDGFYSFYSTYSTPCGTIAVTDCSELDNLATIMKEINHRYTFDPSLTSSLQRLDGYYPVIFFDYGDYVSKLCPDETL
VARFNEQLNRTVPFKRNTEYFYSMSRGEVKINTFSGITISDPSTHSLASKKEETAWYAATHLEHHHHHH
;
B
3 'polypeptide(L)' (BTN)VLT(CKC) C
#
# COMPACT_ATOMS: atom_id res chain seq x y z
N VAL A 6 -0.25 27.09 14.16
CA VAL A 6 -1.36 26.29 14.66
C VAL A 6 -2.04 25.42 13.59
N PRO A 7 -1.28 24.56 12.89
CA PRO A 7 -1.95 23.74 11.86
C PRO A 7 -2.84 22.69 12.51
N THR A 8 -4.05 22.56 12.01
CA THR A 8 -5.00 21.66 12.65
C THR A 8 -5.73 20.79 11.64
N GLU A 9 -5.46 20.92 10.35
CA GLU A 9 -6.29 20.18 9.39
C GLU A 9 -5.83 18.73 9.14
N GLN A 10 -4.53 18.53 8.93
CA GLN A 10 -4.08 17.21 8.48
C GLN A 10 -2.69 16.90 8.99
N THR A 11 -2.49 15.66 9.42
CA THR A 11 -1.18 15.12 9.70
C THR A 11 -0.89 14.04 8.68
N VAL A 12 0.24 14.17 7.98
CA VAL A 12 0.73 13.11 7.12
C VAL A 12 1.80 12.37 7.91
N PHE A 13 1.53 11.10 8.22
CA PHE A 13 2.45 10.29 9.00
C PHE A 13 3.22 9.34 8.09
N MET A 14 4.52 9.56 7.97
CA MET A 14 5.40 8.68 7.22
C MET A 14 5.98 7.67 8.20
N TYR A 15 5.70 6.40 7.94
CA TYR A 15 6.00 5.30 8.85
C TYR A 15 6.99 4.36 8.17
N LEU A 16 8.21 4.31 8.74
CA LEU A 16 9.34 3.62 8.11
C LEU A 16 9.92 2.62 9.12
N PRO A 17 9.19 1.55 9.38
CA PRO A 17 9.71 0.54 10.31
C PRO A 17 10.90 -0.18 9.70
N TRP A 18 11.58 -0.98 10.52
CA TRP A 18 12.83 -1.59 10.06
C TRP A 18 12.65 -2.49 8.85
N SER A 19 13.52 -2.31 7.85
CA SER A 19 13.36 -2.95 6.53
C SER A 19 14.55 -3.83 6.17
N ASP A 20 15.50 -3.91 7.10
CA ASP A 20 16.80 -4.60 6.92
C ASP A 20 17.75 -3.92 5.93
N ASN A 21 17.31 -3.63 4.70
CA ASN A 21 18.23 -3.17 3.64
C ASN A 21 17.72 -1.99 2.81
N LEU A 22 16.63 -1.36 3.23
CA LEU A 22 16.13 -0.18 2.53
C LEU A 22 16.33 1.11 3.33
N THR A 23 17.05 1.04 4.45
CA THR A 23 17.26 2.20 5.29
C THR A 23 17.84 3.39 4.53
N SER A 24 18.85 3.14 3.70
CA SER A 24 19.42 4.25 2.95
CA SER A 24 19.44 4.22 2.93
C SER A 24 18.43 4.80 1.92
N ASN A 25 17.65 3.92 1.30
CA ASN A 25 16.59 4.41 0.40
C ASN A 25 15.60 5.29 1.15
N PHE A 26 15.28 4.94 2.40
CA PHE A 26 14.37 5.74 3.20
C PHE A 26 14.94 7.14 3.47
N TYR A 27 16.23 7.22 3.78
CA TYR A 27 16.84 8.53 3.96
C TYR A 27 16.68 9.41 2.72
N GLN A 28 16.82 8.80 1.53
CA GLN A 28 16.63 9.56 0.30
C GLN A 28 15.15 9.94 0.09
N ASN A 29 14.24 9.03 0.46
CA ASN A 29 12.82 9.38 0.44
C ASN A 29 12.52 10.62 1.32
N ILE A 30 13.10 10.65 2.52
CA ILE A 30 12.90 11.77 3.42
C ILE A 30 13.51 13.04 2.84
N SER A 31 14.71 12.93 2.27
CA SER A 31 15.33 14.07 1.62
C SER A 31 14.47 14.64 0.48
N ASP A 32 13.94 13.73 -0.34
CA ASP A 32 13.04 14.14 -1.40
C ASP A 32 11.79 14.83 -0.88
N LEU A 33 11.21 14.29 0.19
CA LEU A 33 10.04 14.92 0.76
C LEU A 33 10.38 16.28 1.36
N GLU A 34 11.55 16.40 1.97
CA GLU A 34 11.99 17.69 2.51
C GLU A 34 12.08 18.77 1.44
N SER A 35 12.40 18.38 0.20
CA SER A 35 12.52 19.39 -0.84
C SER A 35 11.14 20.02 -1.10
N VAL A 36 10.06 19.30 -0.78
CA VAL A 36 8.70 19.87 -0.86
C VAL A 36 8.37 20.79 0.32
N VAL A 37 8.79 20.40 1.53
CA VAL A 37 8.58 21.23 2.72
C VAL A 37 9.22 22.59 2.55
N GLU A 38 10.37 22.61 1.88
CA GLU A 38 11.07 23.87 1.63
C GLU A 38 10.24 24.92 0.87
N LYS A 39 9.09 24.53 0.33
CA LYS A 39 8.25 25.45 -0.43
C LYS A 39 7.09 26.04 0.39
N ASN A 40 7.10 25.78 1.69
CA ASN A 40 6.16 26.42 2.60
C ASN A 40 4.69 26.07 2.31
N ILE A 41 4.41 24.77 2.32
CA ILE A 41 3.11 24.20 1.94
C ILE A 41 2.35 23.68 3.16
N LEU A 42 2.96 23.82 4.34
CA LEU A 42 2.45 23.17 5.54
C LEU A 42 1.84 24.17 6.53
N LYS A 43 0.99 25.07 6.04
CA LYS A 43 0.32 26.00 6.94
C LYS A 43 -0.83 25.35 7.74
N ASP A 44 -1.53 24.41 7.13
CA ASP A 44 -2.65 23.74 7.77
C ASP A 44 -2.33 22.29 8.13
N GLU A 45 -1.10 21.87 7.84
CA GLU A 45 -0.75 20.45 7.93
C GLU A 45 0.59 20.27 8.61
N ARG A 46 0.80 19.07 9.17
CA ARG A 46 2.11 18.68 9.70
C ARG A 46 2.55 17.38 9.04
N ILE A 47 3.87 17.22 8.91
CA ILE A 47 4.46 15.97 8.47
C ILE A 47 5.23 15.38 9.65
N ILE A 48 4.85 14.19 10.07
CA ILE A 48 5.46 13.49 11.20
C ILE A 48 6.05 12.20 10.68
N ILE A 49 7.29 11.88 11.04
CA ILE A 49 7.97 10.71 10.56
C ILE A 49 8.43 9.82 11.71
N PHE A 50 8.10 8.54 11.64
CA PHE A 50 8.67 7.50 12.50
C PHE A 50 9.64 6.72 11.66
N MET A 51 10.90 6.67 12.05
CA MET A 51 11.85 5.86 11.31
C MET A 51 12.76 5.04 12.23
N CYS A 52 12.80 3.74 11.99
CA CYS A 52 13.78 2.85 12.63
C CYS A 52 15.14 3.12 12.03
N THR A 53 16.11 3.50 12.86
CA THR A 53 17.47 3.69 12.36
C THR A 53 18.25 2.39 12.50
N THR A 54 17.82 1.53 13.43
CA THR A 54 18.25 0.13 13.50
C THR A 54 17.01 -0.71 13.77
N ALA A 55 17.18 -2.02 13.89
CA ALA A 55 16.04 -2.89 14.15
C ALA A 55 15.37 -2.60 15.50
N THR A 56 16.12 -1.98 16.40
CA THR A 56 15.69 -1.78 17.78
C THR A 56 15.71 -0.32 18.23
N LYS A 57 16.01 0.60 17.32
CA LYS A 57 16.08 2.02 17.65
C LYS A 57 15.28 2.81 16.63
N ALA A 58 14.44 3.72 17.12
CA ALA A 58 13.67 4.55 16.20
C ALA A 58 13.55 5.96 16.73
N THR A 59 13.23 6.87 15.83
CA THR A 59 12.98 8.25 16.19
CA THR A 59 12.97 8.24 16.22
C THR A 59 11.65 8.72 15.60
N LEU A 60 10.95 9.59 16.33
CA LEU A 60 9.78 10.28 15.82
C LEU A 60 10.14 11.75 15.66
N PHE A 61 9.96 12.32 14.47
CA PHE A 61 10.28 13.74 14.30
C PHE A 61 9.33 14.44 13.33
N GLU A 62 9.33 15.75 13.38
CA GLU A 62 8.49 16.55 12.51
C GLU A 62 9.34 17.24 11.45
N LEU A 63 8.83 17.29 10.21
CA LEU A 63 9.44 18.13 9.17
C LEU A 63 8.66 19.41 9.16
N ALA A 64 9.34 20.52 9.40
CA ALA A 64 8.64 21.79 9.39
C ALA A 64 9.40 22.83 8.60
N TYR A 65 8.71 23.93 8.31
CA TYR A 65 9.31 25.03 7.58
C TYR A 65 9.55 26.16 8.58
N GLU A 66 10.80 26.58 8.71
CA GLU A 66 11.15 27.61 9.68
C GLU A 66 12.28 28.47 9.13
N ASN A 67 12.17 29.78 9.30
CA ASN A 67 13.17 30.73 8.80
C ASN A 67 13.59 30.42 7.38
N GLY A 68 12.62 30.18 6.51
CA GLY A 68 12.87 29.91 5.11
C GLY A 68 13.54 28.58 4.79
N LYS A 69 13.39 27.58 5.66
CA LYS A 69 14.05 26.29 5.45
C LYS A 69 13.29 25.10 6.04
N SER A 70 13.60 23.90 5.55
CA SER A 70 13.11 22.67 6.17
C SER A 70 13.86 22.49 7.48
N VAL A 71 13.23 21.85 8.46
CA VAL A 71 13.92 21.56 9.71
C VAL A 71 13.36 20.28 10.34
N HIS A 72 14.24 19.46 10.93
CA HIS A 72 13.85 18.28 11.71
C HIS A 72 13.66 18.65 13.16
N LYS A 73 12.44 18.57 13.66
CA LYS A 73 12.19 18.76 15.10
C LYS A 73 12.01 17.38 15.72
N THR A 74 12.99 16.90 16.48
CA THR A 74 12.89 15.57 17.11
C THR A 74 11.86 15.60 18.23
N LEU A 75 10.93 14.65 18.18
CA LEU A 75 9.82 14.64 19.13
C LEU A 75 10.09 13.63 20.24
N LYS A 76 10.59 12.46 19.87
CA LYS A 76 11.01 11.47 20.86
C LYS A 76 11.81 10.35 20.20
N ASN A 77 12.48 9.56 21.03
CA ASN A 77 13.17 8.39 20.58
C ASN A 77 12.61 7.13 21.20
N TYR A 78 12.86 6.00 20.57
CA TYR A 78 12.33 4.74 21.04
C TYR A 78 13.43 3.70 21.17
N THR A 79 13.33 2.90 22.23
CA THR A 79 14.20 1.74 22.39
C THR A 79 13.33 0.48 22.37
N ASP A 80 13.71 -0.49 21.55
CA ASP A 80 12.92 -1.71 21.36
C ASP A 80 11.44 -1.47 21.07
N PRO A 81 11.11 -0.52 20.17
CA PRO A 81 9.67 -0.37 19.87
C PRO A 81 9.09 -1.64 19.26
N ALA A 82 7.86 -1.98 19.61
CA ALA A 82 7.27 -3.25 19.19
C ALA A 82 6.43 -3.05 17.94
N TYR A 83 7.10 -2.62 16.88
CA TYR A 83 6.39 -2.13 15.70
C TYR A 83 5.79 -3.27 14.87
N THR A 84 6.07 -4.54 15.20
CA THR A 84 5.38 -5.63 14.51
C THR A 84 4.14 -6.11 15.25
N THR A 85 3.76 -5.41 16.34
CA THR A 85 2.60 -5.79 17.16
C THR A 85 1.54 -4.70 17.10
N ALA A 86 0.29 -5.10 17.28
CA ALA A 86 -0.80 -4.13 17.23
C ALA A 86 -0.65 -3.10 18.33
N GLU A 87 -0.25 -3.54 19.51
CA GLU A 87 -0.12 -2.63 20.64
C GLU A 87 1.00 -1.61 20.38
N GLY A 88 2.06 -2.05 19.71
CA GLY A 88 3.18 -1.17 19.41
C GLY A 88 2.77 -0.12 18.37
N ILE A 89 2.05 -0.56 17.35
CA ILE A 89 1.60 0.35 16.31
C ILE A 89 0.60 1.34 16.92
N THR A 90 -0.32 0.86 17.75
CA THR A 90 -1.25 1.78 18.42
C THR A 90 -0.53 2.83 19.25
N SER A 91 0.48 2.40 20.00
CA SER A 91 1.18 3.35 20.84
CA SER A 91 1.22 3.34 20.84
C SER A 91 1.91 4.42 20.01
N ILE A 92 2.51 4.00 18.89
CA ILE A 92 3.16 4.95 18.00
C ILE A 92 2.14 5.94 17.42
N LEU A 93 0.98 5.41 16.99
CA LEU A 93 -0.03 6.30 16.44
C LEU A 93 -0.62 7.24 17.51
N ASN A 94 -0.65 6.79 18.77
CA ASN A 94 -1.10 7.70 19.85
C ASN A 94 -0.06 8.81 20.10
N ASP A 95 1.22 8.47 19.95
CA ASP A 95 2.27 9.49 20.00
C ASP A 95 2.03 10.52 18.87
N VAL A 96 1.80 10.02 17.65
CA VAL A 96 1.57 10.93 16.51
C VAL A 96 0.41 11.88 16.82
N GLN A 97 -0.66 11.34 17.37
CA GLN A 97 -1.81 12.17 17.66
C GLN A 97 -1.53 13.20 18.76
N ARG A 98 -0.75 12.81 19.79
CA ARG A 98 -0.40 13.74 20.88
C ARG A 98 0.44 14.87 20.36
N TYR A 99 1.45 14.56 19.56
CA TYR A 99 2.32 15.62 19.04
C TYR A 99 1.60 16.43 17.95
N SER A 100 0.66 15.80 17.25
CA SER A 100 0.04 16.49 16.11
C SER A 100 -1.47 16.27 16.09
N PRO A 101 -2.21 17.04 16.91
CA PRO A 101 -3.66 16.95 16.95
C PRO A 101 -4.28 17.63 15.74
N THR A 102 -4.91 16.85 14.85
CA THR A 102 -5.46 17.41 13.62
C THR A 102 -6.77 16.72 13.34
N LYS A 103 -7.55 17.30 12.43
CA LYS A 103 -8.83 16.75 12.04
C LYS A 103 -8.66 15.43 11.29
N ARG A 104 -7.67 15.39 10.42
CA ARG A 104 -7.44 14.25 9.55
C ARG A 104 -6.02 13.70 9.71
N TYR A 105 -5.87 12.41 9.43
CA TYR A 105 -4.59 11.71 9.40
C TYR A 105 -4.46 10.85 8.18
N SER A 106 -3.25 10.79 7.63
CA SER A 106 -2.95 9.85 6.57
CA SER A 106 -2.96 9.82 6.59
C SER A 106 -1.65 9.12 6.89
N MET A 107 -1.40 8.01 6.20
CA MET A 107 -0.24 7.19 6.52
C MET A 107 0.48 6.81 5.27
N VAL A 108 1.79 6.97 5.26
CA VAL A 108 2.68 6.54 4.19
C VAL A 108 3.59 5.49 4.78
N ILE A 109 3.58 4.28 4.25
CA ILE A 109 4.30 3.16 4.82
C ILE A 109 5.35 2.69 3.84
N GLY A 110 6.62 2.77 4.27
CA GLY A 110 7.72 2.33 3.42
C GLY A 110 8.38 1.11 4.03
N CYS A 111 8.63 0.08 3.23
N CYS A 111 8.64 0.10 3.21
CA CYS A 111 9.27 -1.18 3.66
CA CYS A 111 8.95 -1.24 3.67
C CYS A 111 9.22 -2.18 2.52
C CYS A 111 9.16 -2.20 2.51
N HIS A 112 9.51 -3.45 2.81
CA HIS A 112 9.29 -4.55 1.85
C HIS A 112 7.84 -4.98 1.95
N GLY A 113 7.24 -5.37 0.83
CA GLY A 113 5.86 -5.81 0.85
C GLY A 113 5.64 -7.17 0.23
N MET A 114 4.67 -7.90 0.77
CA MET A 114 4.29 -9.21 0.28
C MET A 114 2.78 -9.38 0.39
N GLY A 115 2.06 -8.33 -0.01
CA GLY A 115 0.62 -8.37 0.03
C GLY A 115 0.02 -8.87 1.32
N TRP A 116 -0.96 -9.76 1.18
CA TRP A 116 -1.72 -10.31 2.31
C TRP A 116 -1.02 -11.47 2.99
N ILE A 117 0.04 -11.97 2.38
CA ILE A 117 0.66 -13.23 2.85
C ILE A 117 0.96 -13.19 4.36
N PRO A 118 0.58 -14.25 5.09
CA PRO A 118 0.80 -14.16 6.55
C PRO A 118 2.26 -14.34 6.89
N VAL A 119 2.71 -13.68 7.95
CA VAL A 119 4.09 -13.82 8.40
C VAL A 119 4.34 -15.28 8.74
N SER A 120 3.34 -15.88 9.38
CA SER A 120 3.38 -17.28 9.81
C SER A 120 2.66 -18.18 8.82
N ASN A 121 3.44 -18.93 8.04
CA ASN A 121 2.88 -19.77 6.99
C ASN A 121 3.12 -21.26 7.22
N TYR B 1 2.21 -9.74 4.10
CA TYR B 1 2.79 -8.99 5.23
C TYR B 1 3.59 -7.83 4.68
N PHE B 2 4.09 -6.97 5.55
CA PHE B 2 5.04 -5.93 5.17
C PHE B 2 6.07 -5.72 6.28
N GLY B 3 7.24 -5.27 5.91
CA GLY B 3 8.28 -4.99 6.88
C GLY B 3 9.66 -5.32 6.33
N GLY B 4 10.43 -6.07 7.10
CA GLY B 4 11.78 -6.43 6.67
C GLY B 4 11.84 -7.78 5.96
N LEU B 5 13.07 -8.24 5.76
CA LEU B 5 13.30 -9.49 5.08
C LEU B 5 13.25 -10.67 6.04
N ASN B 6 13.54 -10.41 7.30
CA ASN B 6 13.44 -11.44 8.32
C ASN B 6 12.06 -11.44 8.99
N ALA B 7 11.54 -12.63 9.25
CA ALA B 7 10.18 -12.78 9.79
C ALA B 7 10.00 -12.03 11.10
N GLN B 8 11.07 -11.89 11.89
CA GLN B 8 11.02 -11.15 13.15
C GLN B 8 10.65 -9.68 12.95
N TYR B 9 10.85 -9.18 11.74
CA TYR B 9 10.62 -7.77 11.42
C TYR B 9 9.45 -7.60 10.46
N GLN B 10 8.60 -8.62 10.37
CA GLN B 10 7.43 -8.57 9.48
C GLN B 10 6.13 -8.45 10.23
N THR B 11 5.18 -7.75 9.61
CA THR B 11 3.91 -7.41 10.22
C THR B 11 2.75 -7.81 9.32
N ASP B 12 1.75 -8.44 9.91
CA ASP B 12 0.58 -8.79 9.15
C ASP B 12 -0.33 -7.60 8.90
N ILE B 13 -1.10 -7.68 7.83
CA ILE B 13 -2.05 -6.62 7.52
C ILE B 13 -3.13 -6.49 8.62
N THR B 14 -3.62 -7.62 9.14
CA THR B 14 -4.62 -7.54 10.23
C THR B 14 -4.03 -6.84 11.47
N THR B 15 -2.72 -7.00 11.70
CA THR B 15 -2.04 -6.34 12.80
C THR B 15 -2.02 -4.83 12.61
N LEU B 16 -1.67 -4.39 11.42
CA LEU B 16 -1.74 -2.97 11.09
C LEU B 16 -3.16 -2.42 11.28
N ALA B 17 -4.16 -3.13 10.78
CA ALA B 17 -5.54 -2.68 10.93
C ALA B 17 -5.94 -2.53 12.39
N LYS B 18 -5.59 -3.52 13.22
CA LYS B 18 -5.90 -3.44 14.66
C LYS B 18 -5.14 -2.28 15.30
N GLY B 19 -3.90 -2.09 14.89
CA GLY B 19 -3.11 -0.99 15.41
C GLY B 19 -3.76 0.36 15.12
N ILE B 20 -4.24 0.55 13.89
CA ILE B 20 -4.93 1.80 13.55
C ILE B 20 -6.27 1.92 14.29
N SER B 21 -7.05 0.85 14.29
CA SER B 21 -8.39 0.97 14.86
CA SER B 21 -8.38 0.86 14.89
C SER B 21 -8.29 1.16 16.39
N ASN B 22 -7.32 0.55 17.05
CA ASN B 22 -7.19 0.76 18.49
C ASN B 22 -6.58 2.11 18.84
N ALA B 23 -6.04 2.80 17.83
CA ALA B 23 -5.62 4.19 18.01
C ALA B 23 -6.78 5.16 17.79
N GLY B 24 -7.94 4.63 17.41
CA GLY B 24 -9.11 5.46 17.18
C GLY B 24 -8.97 6.36 15.97
N LEU B 25 -8.29 5.85 14.95
CA LEU B 25 -8.08 6.61 13.71
C LEU B 25 -8.72 5.92 12.50
N LYS B 26 -9.18 6.72 11.54
CA LYS B 26 -9.53 6.24 10.21
C LYS B 26 -8.77 7.13 9.25
N MET B 27 -7.77 6.56 8.58
CA MET B 27 -6.92 7.34 7.70
C MET B 27 -7.68 7.86 6.49
N GLU B 28 -7.26 9.01 5.99
CA GLU B 28 -7.76 9.44 4.68
C GLU B 28 -7.25 8.49 3.61
N TYR B 29 -5.94 8.29 3.59
CA TYR B 29 -5.35 7.25 2.76
C TYR B 29 -4.23 6.55 3.51
N ILE B 30 -3.96 5.34 3.05
CA ILE B 30 -2.72 4.62 3.36
C ILE B 30 -2.00 4.41 2.05
N LEU B 31 -0.81 4.99 1.92
CA LEU B 31 0.06 4.81 0.74
C LEU B 31 1.10 3.78 1.08
N PHE B 32 1.02 2.61 0.45
CA PHE B 32 2.01 1.60 0.63
C PHE B 32 3.12 1.74 -0.38
N ASP B 33 4.22 2.31 0.08
CA ASP B 33 5.45 2.41 -0.72
C ASP B 33 6.25 1.14 -0.53
N ASP B 34 5.76 0.08 -1.18
CA ASP B 34 6.36 -1.26 -1.12
C ASP B 34 5.77 -2.12 -2.21
N CYS B 35 6.29 -3.33 -2.35
CA CYS B 35 5.77 -4.23 -3.38
C CYS B 35 4.45 -4.86 -3.00
N TYR B 36 3.65 -5.12 -4.03
CA TYR B 36 2.56 -6.07 -3.95
C TYR B 36 1.43 -5.72 -2.99
N MET B 37 1.17 -4.45 -2.72
CA MET B 37 0.14 -4.14 -1.71
C MET B 37 -1.19 -3.69 -2.28
N SER B 38 -1.25 -3.44 -3.59
CA SER B 38 -2.54 -3.17 -4.21
C SER B 38 -3.19 -4.52 -4.54
N SER B 39 -3.71 -5.10 -3.47
CA SER B 39 -4.23 -6.46 -3.40
C SER B 39 -5.63 -6.36 -2.81
N ILE B 40 -6.59 -7.07 -3.40
CA ILE B 40 -7.97 -6.97 -2.90
C ILE B 40 -8.03 -7.52 -1.47
N GLU B 41 -7.19 -8.51 -1.15
CA GLU B 41 -7.17 -9.07 0.19
C GLU B 41 -6.63 -8.04 1.19
N VAL B 42 -5.60 -7.27 0.77
CA VAL B 42 -5.07 -6.22 1.64
C VAL B 42 -6.09 -5.11 1.82
N ALA B 43 -6.68 -4.64 0.72
CA ALA B 43 -7.68 -3.57 0.83
C ALA B 43 -8.84 -3.98 1.74
N TYR B 44 -9.34 -5.20 1.55
CA TYR B 44 -10.49 -5.62 2.34
C TYR B 44 -10.15 -5.65 3.84
N ALA B 45 -8.93 -6.07 4.16
CA ALA B 45 -8.50 -6.14 5.56
C ALA B 45 -8.42 -4.75 6.19
N LEU B 46 -8.16 -3.74 5.36
CA LEU B 46 -8.00 -2.35 5.82
C LEU B 46 -9.24 -1.49 5.56
N LYS B 47 -10.36 -2.10 5.15
CA LYS B 47 -11.47 -1.32 4.61
C LYS B 47 -12.13 -0.43 5.63
N ASP B 48 -11.97 -0.73 6.91
CA ASP B 48 -12.64 0.09 7.92
C ASP B 48 -11.68 1.02 8.64
N VAL B 49 -10.40 1.02 8.28
CA VAL B 49 -9.46 1.93 8.91
C VAL B 49 -8.86 2.95 7.95
N THR B 50 -9.31 2.97 6.69
CA THR B 50 -8.84 4.00 5.76
C THR B 50 -9.93 4.28 4.71
N ASP B 51 -9.95 5.49 4.17
CA ASP B 51 -10.89 5.84 3.11
C ASP B 51 -10.35 5.33 1.77
N TYR B 52 -9.05 5.42 1.57
CA TYR B 52 -8.40 5.03 0.32
C TYR B 52 -7.14 4.25 0.61
N LEU B 53 -6.82 3.33 -0.29
CA LEU B 53 -5.54 2.62 -0.28
C LEU B 53 -4.81 3.04 -1.53
N ILE B 54 -3.51 3.33 -1.42
CA ILE B 54 -2.68 3.58 -2.60
C ILE B 54 -1.54 2.59 -2.64
N GLY B 55 -1.32 1.91 -3.77
CA GLY B 55 -0.23 0.96 -3.78
C GLY B 55 -0.01 0.40 -5.16
N SER B 56 0.97 -0.50 -5.22
CA SER B 56 1.32 -1.16 -6.47
C SER B 56 0.86 -2.60 -6.48
N THR B 57 0.36 -3.07 -7.62
CA THR B 57 0.11 -4.50 -7.79
C THR B 57 1.38 -5.33 -7.75
N SER B 58 2.50 -4.71 -8.10
CA SER B 58 3.69 -5.47 -8.48
C SER B 58 4.91 -4.98 -7.71
N GLU B 59 6.11 -5.22 -8.24
CA GLU B 59 7.29 -4.75 -7.52
C GLU B 59 7.55 -3.27 -7.81
N VAL B 60 7.90 -2.52 -6.77
CA VAL B 60 8.29 -1.11 -6.84
C VAL B 60 9.79 -1.06 -6.71
N MET B 61 10.47 -0.24 -7.53
CA MET B 61 11.92 -0.18 -7.41
C MET B 61 12.33 0.32 -6.03
N ALA B 62 13.53 -0.02 -5.59
CA ALA B 62 13.95 0.32 -4.23
C ALA B 62 13.92 1.83 -3.98
N TYR B 63 14.07 2.63 -5.04
CA TYR B 63 13.92 4.08 -4.90
C TYR B 63 12.62 4.47 -4.18
N GLY B 64 11.55 3.75 -4.50
CA GLY B 64 10.24 3.96 -3.86
C GLY B 64 9.49 5.10 -4.54
N MET B 65 8.55 5.71 -3.81
CA MET B 65 7.75 6.76 -4.41
C MET B 65 8.66 7.96 -4.66
N PRO B 66 8.36 8.75 -5.70
CA PRO B 66 9.12 10.00 -5.92
C PRO B 66 8.53 11.16 -5.11
N TYR B 67 8.91 11.23 -3.83
CA TYR B 67 8.28 12.22 -2.97
C TYR B 67 8.57 13.65 -3.34
N ALA B 68 9.65 13.90 -4.08
CA ALA B 68 9.88 15.29 -4.52
C ALA B 68 8.87 15.71 -5.58
N GLU B 69 8.34 14.72 -6.30
CA GLU B 69 7.35 14.95 -7.34
C GLU B 69 5.91 14.86 -6.88
N ILE B 70 5.64 14.01 -5.89
CA ILE B 70 4.25 13.82 -5.46
C ILE B 70 3.96 14.29 -4.06
N GLY B 71 4.97 14.79 -3.35
CA GLY B 71 4.75 15.19 -1.98
C GLY B 71 3.63 16.19 -1.79
N GLN B 72 3.53 17.16 -2.69
CA GLN B 72 2.49 18.13 -2.49
C GLN B 72 1.07 17.55 -2.67
N TYR B 73 0.96 16.46 -3.42
CA TYR B 73 -0.33 15.82 -3.66
C TYR B 73 -0.82 15.05 -2.44
N LEU B 74 0.13 14.73 -1.56
CA LEU B 74 -0.17 14.02 -0.28
C LEU B 74 -0.73 14.93 0.78
N ILE B 75 -0.51 16.22 0.59
CA ILE B 75 -0.76 17.23 1.62
C ILE B 75 -1.97 18.09 1.30
N GLY B 76 -2.85 18.30 2.27
CA GLY B 76 -3.97 19.18 2.09
C GLY B 76 -5.14 18.58 1.34
N LYS B 77 -5.52 19.20 0.23
CA LYS B 77 -6.54 18.61 -0.62
C LYS B 77 -5.86 17.51 -1.45
N VAL B 78 -6.06 16.26 -1.04
CA VAL B 78 -5.28 15.15 -1.57
C VAL B 78 -5.60 14.97 -3.05
N ASP B 79 -4.55 14.90 -3.85
CA ASP B 79 -4.69 14.82 -5.31
C ASP B 79 -4.34 13.41 -5.75
N TYR B 80 -5.34 12.53 -5.75
CA TYR B 80 -5.06 11.12 -6.06
C TYR B 80 -4.57 10.91 -7.51
N ALA B 81 -5.11 11.66 -8.44
CA ALA B 81 -4.62 11.60 -9.81
C ALA B 81 -3.15 12.02 -9.87
N GLY B 82 -2.84 13.12 -9.20
CA GLY B 82 -1.46 13.60 -9.14
C GLY B 82 -0.49 12.59 -8.58
N ILE B 83 -0.91 11.90 -7.52
CA ILE B 83 -0.05 10.87 -6.93
C ILE B 83 0.27 9.77 -7.96
N CYS B 84 -0.78 9.26 -8.62
CA CYS B 84 -0.56 8.20 -9.63
C CYS B 84 0.26 8.72 -10.80
N ASP B 85 -0.08 9.92 -11.25
CA ASP B 85 0.55 10.47 -12.43
C ASP B 85 2.02 10.76 -12.17
N GLY B 86 2.37 11.27 -10.98
CA GLY B 86 3.77 11.53 -10.67
C GLY B 86 4.60 10.26 -10.55
N PHE B 87 4.01 9.22 -9.95
CA PHE B 87 4.68 7.94 -9.94
C PHE B 87 4.91 7.43 -11.37
N TYR B 88 3.87 7.51 -12.19
CA TYR B 88 3.96 7.03 -13.56
C TYR B 88 5.00 7.81 -14.35
N SER B 89 5.02 9.12 -14.22
CA SER B 89 5.99 9.86 -15.02
CA SER B 89 6.00 9.93 -14.96
C SER B 89 7.41 9.55 -14.55
N PHE B 90 7.61 9.43 -13.24
CA PHE B 90 8.93 9.10 -12.71
C PHE B 90 9.40 7.75 -13.20
N TYR B 91 8.56 6.72 -13.09
CA TYR B 91 9.03 5.40 -13.50
C TYR B 91 8.96 5.20 -14.98
N SER B 92 8.31 6.09 -15.72
CA SER B 92 8.41 6.00 -17.20
C SER B 92 9.82 6.30 -17.71
N THR B 93 10.60 7.07 -16.95
CA THR B 93 11.94 7.45 -17.43
C THR B 93 13.05 7.01 -16.48
N TYR B 94 12.70 6.21 -15.47
CA TYR B 94 13.69 5.76 -14.50
C TYR B 94 14.63 4.74 -15.14
N SER B 95 15.81 4.53 -14.56
CA SER B 95 16.79 3.63 -15.19
C SER B 95 16.22 2.21 -15.41
N THR B 96 15.32 1.77 -14.51
CA THR B 96 14.44 0.62 -14.75
C THR B 96 13.05 1.23 -14.87
N PRO B 97 12.53 1.35 -16.10
CA PRO B 97 11.38 2.21 -16.36
C PRO B 97 10.06 1.45 -16.14
N CYS B 98 9.89 0.97 -14.91
CA CYS B 98 8.80 0.03 -14.63
C CYS B 98 8.08 0.33 -13.31
N GLY B 99 6.75 0.44 -13.36
CA GLY B 99 5.99 0.62 -12.15
C GLY B 99 4.50 0.60 -12.40
N THR B 100 3.76 0.14 -11.40
CA THR B 100 2.29 0.21 -11.43
C THR B 100 1.79 0.83 -10.14
N ILE B 101 0.70 1.58 -10.22
CA ILE B 101 0.14 2.19 -9.02
C ILE B 101 -1.38 2.35 -9.20
N ALA B 102 -2.13 2.30 -8.10
CA ALA B 102 -3.57 2.51 -8.19
C ALA B 102 -4.10 2.99 -6.85
N VAL B 103 -5.25 3.66 -6.93
CA VAL B 103 -5.97 4.13 -5.75
C VAL B 103 -7.24 3.32 -5.65
N THR B 104 -7.43 2.69 -4.47
CA THR B 104 -8.64 1.93 -4.17
C THR B 104 -9.52 2.71 -3.19
N ASP B 105 -10.79 2.89 -3.57
CA ASP B 105 -11.78 3.55 -2.73
C ASP B 105 -12.37 2.50 -1.81
N CYS B 106 -11.97 2.53 -0.54
CA CYS B 106 -12.35 1.46 0.36
C CYS B 106 -13.83 1.44 0.71
N SER B 107 -14.52 2.56 0.49
CA SER B 107 -15.97 2.60 0.76
C SER B 107 -16.75 1.78 -0.26
N GLU B 108 -16.11 1.43 -1.38
CA GLU B 108 -16.75 0.67 -2.44
C GLU B 108 -16.49 -0.84 -2.34
N LEU B 109 -15.68 -1.26 -1.36
CA LEU B 109 -15.28 -2.64 -1.26
C LEU B 109 -16.44 -3.55 -0.85
N ASP B 110 -17.35 -3.06 0.02
CA ASP B 110 -18.45 -3.92 0.45
C ASP B 110 -19.28 -4.32 -0.76
N ASN B 111 -19.62 -3.36 -1.59
CA ASN B 111 -20.45 -3.66 -2.76
C ASN B 111 -19.71 -4.52 -3.77
N LEU B 112 -18.40 -4.32 -3.92
CA LEU B 112 -17.63 -5.18 -4.81
C LEU B 112 -17.65 -6.62 -4.29
N ALA B 113 -17.48 -6.82 -2.98
CA ALA B 113 -17.44 -8.16 -2.40
C ALA B 113 -18.78 -8.85 -2.58
N THR B 114 -19.85 -8.06 -2.51
CA THR B 114 -21.19 -8.62 -2.65
C THR B 114 -21.38 -9.21 -4.05
N ILE B 115 -20.92 -8.47 -5.07
CA ILE B 115 -21.00 -9.01 -6.43
C ILE B 115 -20.08 -10.20 -6.59
N MET B 116 -18.88 -10.13 -6.02
CA MET B 116 -17.96 -11.27 -6.12
C MET B 116 -18.52 -12.54 -5.46
N LYS B 117 -19.24 -12.36 -4.36
CA LYS B 117 -19.90 -13.47 -3.69
C LYS B 117 -20.88 -14.16 -4.64
N GLU B 118 -21.66 -13.38 -5.38
CA GLU B 118 -22.60 -13.96 -6.35
C GLU B 118 -21.84 -14.71 -7.44
N ILE B 119 -20.73 -14.14 -7.91
CA ILE B 119 -19.92 -14.80 -8.94
C ILE B 119 -19.35 -16.13 -8.44
N ASN B 120 -18.79 -16.15 -7.23
CA ASN B 120 -18.20 -17.36 -6.69
C ASN B 120 -19.27 -18.41 -6.37
N HIS B 121 -20.48 -17.96 -6.06
CA HIS B 121 -21.55 -18.89 -5.75
C HIS B 121 -21.95 -19.62 -7.02
N ARG B 122 -21.91 -18.91 -8.14
CA ARG B 122 -22.40 -19.42 -9.42
C ARG B 122 -21.33 -20.13 -10.24
N TYR B 123 -20.08 -19.70 -10.11
CA TYR B 123 -19.03 -20.19 -10.98
C TYR B 123 -17.80 -20.62 -10.21
N THR B 124 -17.10 -21.60 -10.75
CA THR B 124 -15.86 -22.08 -10.19
C THR B 124 -14.76 -21.95 -11.26
N PHE B 125 -13.57 -21.50 -10.87
CA PHE B 125 -12.50 -21.27 -11.84
C PHE B 125 -12.01 -22.58 -12.47
N ASP B 126 -11.80 -22.55 -13.78
CA ASP B 126 -11.20 -23.67 -14.51
C ASP B 126 -9.68 -23.51 -14.47
N PRO B 127 -9.00 -24.35 -13.68
CA PRO B 127 -7.55 -24.21 -13.49
C PRO B 127 -6.73 -24.34 -14.78
N SER B 128 -7.32 -24.88 -15.84
CA SER B 128 -6.62 -24.98 -17.12
C SER B 128 -6.50 -23.59 -17.75
N LEU B 129 -7.18 -22.60 -17.16
CA LEU B 129 -7.12 -21.22 -17.65
C LEU B 129 -6.06 -20.39 -16.92
N THR B 130 -5.35 -20.98 -15.95
CA THR B 130 -4.49 -20.18 -15.07
C THR B 130 -3.32 -19.55 -15.83
N SER B 131 -2.73 -20.28 -16.78
CA SER B 131 -1.64 -19.73 -17.55
C SER B 131 -2.08 -18.60 -18.48
N SER B 132 -3.39 -18.48 -18.74
CA SER B 132 -3.88 -17.43 -19.61
C SER B 132 -4.16 -16.12 -18.84
N LEU B 133 -4.04 -16.17 -17.51
CA LEU B 133 -4.27 -14.97 -16.69
C LEU B 133 -3.09 -14.02 -16.74
N GLN B 134 -3.38 -12.75 -16.53
CA GLN B 134 -2.34 -11.73 -16.42
C GLN B 134 -1.61 -11.83 -15.10
N ARG B 135 -0.34 -12.22 -15.14
CA ARG B 135 0.44 -12.28 -13.91
C ARG B 135 0.88 -10.86 -13.56
N LEU B 136 0.89 -10.54 -12.27
CA LEU B 136 1.36 -9.23 -11.85
C LEU B 136 2.49 -9.37 -10.84
N ASP B 137 3.11 -10.56 -10.79
CA ASP B 137 4.29 -10.76 -9.94
C ASP B 137 5.39 -11.53 -10.69
N GLY B 138 6.47 -11.82 -9.96
CA GLY B 138 7.60 -12.56 -10.51
C GLY B 138 7.70 -13.98 -9.98
N TYR B 139 6.58 -14.52 -9.49
CA TYR B 139 6.60 -15.83 -8.84
C TYR B 139 6.12 -16.95 -9.76
N TYR B 140 6.58 -18.17 -9.49
CA TYR B 140 5.98 -19.32 -10.13
C TYR B 140 5.82 -20.43 -9.11
N PRO B 141 4.58 -20.94 -8.93
CA PRO B 141 3.33 -20.45 -9.53
C PRO B 141 3.05 -18.99 -9.14
N VAL B 142 2.22 -18.34 -9.95
CA VAL B 142 1.83 -16.94 -9.70
C VAL B 142 1.07 -16.85 -8.38
N ILE B 143 1.31 -15.76 -7.65
CA ILE B 143 0.56 -15.46 -6.40
C ILE B 143 -0.43 -14.33 -6.62
N PHE B 144 0.02 -13.28 -7.32
CA PHE B 144 -0.78 -12.06 -7.52
C PHE B 144 -1.18 -11.93 -8.98
N PHE B 145 -2.47 -12.10 -9.26
CA PHE B 145 -3.05 -12.02 -10.59
C PHE B 145 -3.84 -10.72 -10.77
N ASP B 146 -3.94 -10.20 -12.00
CA ASP B 146 -4.84 -9.09 -12.21
C ASP B 146 -6.28 -9.48 -11.86
N TYR B 147 -6.95 -8.68 -11.04
CA TYR B 147 -8.29 -9.07 -10.59
C TYR B 147 -9.32 -9.00 -11.74
N GLY B 148 -9.30 -7.91 -12.50
CA GLY B 148 -10.24 -7.76 -13.60
C GLY B 148 -10.13 -8.94 -14.56
N ASP B 149 -8.91 -9.29 -14.92
CA ASP B 149 -8.70 -10.37 -15.89
C ASP B 149 -9.17 -11.70 -15.30
N TYR B 150 -8.94 -11.90 -14.01
CA TYR B 150 -9.35 -13.14 -13.36
C TYR B 150 -10.86 -13.33 -13.45
N VAL B 151 -11.62 -12.28 -13.17
CA VAL B 151 -13.08 -12.40 -13.25
C VAL B 151 -13.52 -12.60 -14.70
N SER B 152 -12.81 -12.02 -15.67
CA SER B 152 -13.19 -12.23 -17.06
CA SER B 152 -13.17 -12.25 -17.07
C SER B 152 -13.09 -13.73 -17.42
N LYS B 153 -12.12 -14.43 -16.86
CA LYS B 153 -11.97 -15.85 -17.13
C LYS B 153 -12.92 -16.69 -16.25
N LEU B 154 -13.21 -16.20 -15.05
CA LEU B 154 -14.04 -16.96 -14.12
C LEU B 154 -15.52 -16.92 -14.48
N CYS B 155 -15.98 -15.77 -14.96
CA CYS B 155 -17.40 -15.54 -15.11
C CYS B 155 -17.83 -15.42 -16.58
N PRO B 156 -18.60 -16.39 -17.09
CA PRO B 156 -19.03 -16.31 -18.49
C PRO B 156 -20.33 -15.53 -18.70
N ASP B 157 -20.98 -15.13 -17.63
CA ASP B 157 -22.23 -14.37 -17.70
C ASP B 157 -21.93 -12.91 -18.01
N GLU B 158 -22.35 -12.43 -19.18
CA GLU B 158 -22.02 -11.08 -19.63
C GLU B 158 -22.60 -9.97 -18.74
N THR B 159 -23.81 -10.20 -18.25
CA THR B 159 -24.52 -9.24 -17.44
C THR B 159 -23.82 -9.10 -16.08
N LEU B 160 -23.42 -10.23 -15.53
CA LEU B 160 -22.79 -10.25 -14.22
C LEU B 160 -21.39 -9.65 -14.32
N VAL B 161 -20.65 -9.94 -15.40
CA VAL B 161 -19.34 -9.35 -15.58
C VAL B 161 -19.48 -7.83 -15.75
N ALA B 162 -20.53 -7.37 -16.41
CA ALA B 162 -20.78 -5.92 -16.53
C ALA B 162 -21.01 -5.26 -15.18
N ARG B 163 -21.86 -5.88 -14.35
CA ARG B 163 -22.05 -5.37 -12.99
C ARG B 163 -20.72 -5.38 -12.23
N PHE B 164 -19.96 -6.45 -12.37
CA PHE B 164 -18.66 -6.50 -11.69
C PHE B 164 -17.74 -5.38 -12.17
N ASN B 165 -17.59 -5.26 -13.50
CA ASN B 165 -16.64 -4.27 -14.05
C ASN B 165 -17.07 -2.85 -13.70
N GLU B 166 -18.37 -2.57 -13.69
CA GLU B 166 -18.87 -1.26 -13.30
C GLU B 166 -18.43 -0.97 -11.87
N GLN B 167 -18.61 -1.93 -10.98
CA GLN B 167 -18.25 -1.73 -9.59
C GLN B 167 -16.74 -1.70 -9.36
N LEU B 168 -15.99 -2.53 -10.08
CA LEU B 168 -14.52 -2.48 -9.98
C LEU B 168 -14.02 -1.11 -10.40
N ASN B 169 -14.58 -0.54 -11.47
CA ASN B 169 -14.14 0.78 -11.89
C ASN B 169 -14.44 1.85 -10.82
N ARG B 170 -15.56 1.72 -10.12
CA ARG B 170 -15.86 2.61 -9.01
C ARG B 170 -14.89 2.38 -7.85
N THR B 171 -14.44 1.14 -7.69
CA THR B 171 -13.59 0.78 -6.56
C THR B 171 -12.14 1.20 -6.80
N VAL B 172 -11.73 1.33 -8.06
CA VAL B 172 -10.36 1.71 -8.39
C VAL B 172 -10.40 2.97 -9.26
N PRO B 173 -10.62 4.14 -8.63
CA PRO B 173 -10.83 5.37 -9.41
C PRO B 173 -9.60 5.89 -10.14
N PHE B 174 -8.40 5.48 -9.74
CA PHE B 174 -7.18 5.96 -10.41
C PHE B 174 -6.20 4.83 -10.54
N LYS B 175 -5.53 4.74 -11.69
CA LYS B 175 -4.49 3.74 -11.86
C LYS B 175 -3.56 4.11 -13.01
N ARG B 176 -2.29 3.75 -12.91
CA ARG B 176 -1.35 3.97 -14.01
C ARG B 176 -0.42 2.78 -14.07
N ASN B 177 0.02 2.37 -15.27
CA ASN B 177 1.03 1.32 -15.39
C ASN B 177 1.91 1.59 -16.58
N THR B 178 3.21 1.37 -16.39
CA THR B 178 4.12 1.29 -17.53
C THR B 178 3.86 0.01 -18.31
N GLU B 179 4.47 -0.11 -19.49
CA GLU B 179 4.22 -1.27 -20.34
C GLU B 179 4.60 -2.58 -19.69
N TYR B 180 5.69 -2.55 -18.92
CA TYR B 180 6.21 -3.71 -18.20
C TYR B 180 6.28 -3.39 -16.72
N PHE B 181 6.09 -4.39 -15.86
CA PHE B 181 6.61 -4.23 -14.51
C PHE B 181 7.90 -5.03 -14.39
N TYR B 182 8.72 -4.68 -13.41
CA TYR B 182 9.98 -5.37 -13.21
C TYR B 182 9.88 -6.31 -12.05
N SER B 183 10.45 -7.50 -12.19
CA SER B 183 10.55 -8.39 -11.04
C SER B 183 11.99 -8.84 -10.88
N MET B 184 12.46 -8.94 -9.64
CA MET B 184 13.85 -9.37 -9.46
C MET B 184 14.05 -10.79 -10.01
N SER B 185 13.04 -11.65 -9.88
CA SER B 185 13.20 -13.04 -10.31
C SER B 185 13.04 -13.29 -11.82
N ARG B 186 12.15 -12.55 -12.48
CA ARG B 186 11.87 -12.82 -13.90
C ARG B 186 12.32 -11.72 -14.83
N GLY B 187 12.70 -10.56 -14.30
CA GLY B 187 12.95 -9.42 -15.14
C GLY B 187 11.64 -8.74 -15.53
N GLU B 188 11.63 -8.05 -16.67
CA GLU B 188 10.42 -7.37 -17.15
C GLU B 188 9.34 -8.35 -17.58
N VAL B 189 8.11 -8.05 -17.16
CA VAL B 189 6.93 -8.83 -17.49
C VAL B 189 5.95 -7.87 -18.14
N LYS B 190 5.48 -8.24 -19.32
CA LYS B 190 4.58 -7.43 -20.09
C LYS B 190 3.19 -7.35 -19.45
N ILE B 191 2.67 -6.13 -19.36
CA ILE B 191 1.30 -5.96 -18.90
C ILE B 191 0.35 -5.80 -20.07
N ASN B 192 -0.47 -6.84 -20.31
CA ASN B 192 -1.44 -6.82 -21.41
C ASN B 192 -2.80 -6.28 -21.00
N THR B 193 -3.09 -6.34 -19.71
CA THR B 193 -4.35 -5.82 -19.19
C THR B 193 -4.09 -5.45 -17.73
N PHE B 194 -4.76 -4.39 -17.24
CA PHE B 194 -4.45 -3.87 -15.93
C PHE B 194 -5.65 -3.24 -15.26
N SER B 195 -6.12 -3.87 -14.17
CA SER B 195 -7.27 -3.35 -13.40
C SER B 195 -6.84 -2.60 -12.16
N GLY B 196 -5.54 -2.57 -11.88
CA GLY B 196 -5.03 -1.80 -10.75
C GLY B 196 -4.92 -2.53 -9.43
N ILE B 197 -5.48 -3.74 -9.33
CA ILE B 197 -5.50 -4.45 -8.07
C ILE B 197 -5.43 -5.95 -8.33
N THR B 198 -4.82 -6.69 -7.40
CA THR B 198 -4.58 -8.13 -7.60
C THR B 198 -5.54 -8.98 -6.79
N ILE B 199 -5.63 -10.25 -7.18
CA ILE B 199 -6.33 -11.26 -6.39
C ILE B 199 -5.50 -12.54 -6.42
N SER B 200 -5.62 -13.36 -5.37
CA SER B 200 -4.82 -14.57 -5.27
C SER B 200 -5.68 -15.84 -5.27
N ASP B 201 -7.00 -15.71 -5.47
CA ASP B 201 -7.87 -16.89 -5.36
C ASP B 201 -7.40 -18.15 -6.12
N PRO B 202 -6.94 -18.02 -7.38
CA PRO B 202 -6.56 -19.26 -8.08
C PRO B 202 -5.09 -19.67 -7.86
N SER B 203 -4.37 -18.97 -6.99
CA SER B 203 -2.94 -19.29 -6.85
C SER B 203 -2.70 -20.67 -6.28
N THR B 204 -1.74 -21.38 -6.84
CA THR B 204 -1.35 -22.67 -6.27
C THR B 204 0.04 -22.62 -5.64
N HIS B 205 0.57 -21.41 -5.46
CA HIS B 205 1.86 -21.28 -4.82
C HIS B 205 1.76 -21.65 -3.34
N SER B 206 2.77 -22.32 -2.80
CA SER B 206 2.72 -22.71 -1.39
C SER B 206 2.58 -21.51 -0.43
N LEU B 207 3.11 -20.35 -0.81
CA LEU B 207 3.00 -19.17 0.04
C LEU B 207 1.56 -18.68 0.16
N ALA B 208 0.72 -19.07 -0.79
CA ALA B 208 -0.69 -18.65 -0.80
C ALA B 208 -1.62 -19.70 -0.22
N SER B 209 -1.05 -20.73 0.42
CA SER B 209 -1.88 -21.87 0.82
C SER B 209 -2.91 -21.52 1.90
N LYS B 210 -2.76 -20.39 2.58
CA LYS B 210 -3.74 -19.97 3.57
C LYS B 210 -4.67 -18.87 3.03
N LYS B 211 -4.83 -18.83 1.72
CA LYS B 211 -5.72 -17.84 1.10
C LYS B 211 -7.15 -17.93 1.63
N GLU B 212 -7.57 -19.12 2.04
CA GLU B 212 -8.93 -19.23 2.52
C GLU B 212 -9.15 -18.56 3.88
N GLU B 213 -8.08 -18.12 4.54
CA GLU B 213 -8.18 -17.57 5.88
C GLU B 213 -8.28 -16.04 5.90
N THR B 214 -8.34 -15.40 4.73
CA THR B 214 -8.46 -13.96 4.73
C THR B 214 -9.92 -13.56 4.90
N ALA B 215 -10.14 -12.34 5.37
CA ALA B 215 -11.51 -11.83 5.45
C ALA B 215 -12.13 -11.70 4.05
N TRP B 216 -11.34 -11.24 3.09
CA TRP B 216 -11.80 -11.19 1.71
C TRP B 216 -12.36 -12.56 1.26
N TYR B 217 -11.60 -13.62 1.48
CA TYR B 217 -12.06 -14.95 1.04
C TYR B 217 -13.38 -15.29 1.70
N ALA B 218 -13.45 -15.09 3.01
CA ALA B 218 -14.67 -15.49 3.74
C ALA B 218 -15.85 -14.69 3.22
N ALA B 219 -15.66 -13.38 3.09
CA ALA B 219 -16.77 -12.49 2.70
C ALA B 219 -17.27 -12.74 1.28
N THR B 220 -16.44 -13.36 0.44
CA THR B 220 -16.80 -13.55 -0.94
C THR B 220 -17.10 -15.02 -1.28
N HIS B 221 -17.13 -15.89 -0.27
CA HIS B 221 -17.49 -17.31 -0.50
C HIS B 221 -18.56 -17.75 0.50
N LEU B 222 -19.72 -18.15 0.00
CA LEU B 222 -20.76 -18.75 0.85
C LEU B 222 -20.36 -20.17 1.25
N GLU B 223 -19.57 -20.79 0.38
CA GLU B 223 -19.06 -22.17 0.55
C GLU B 223 -18.78 -22.59 1.99
N VAL C 2 19.69 -5.09 -9.30
CA VAL C 2 18.69 -4.03 -9.19
C VAL C 2 17.64 -4.52 -8.18
N LEU C 3 17.34 -3.70 -7.18
CA LEU C 3 16.53 -4.15 -6.07
C LEU C 3 15.13 -3.55 -6.14
N THR C 4 14.16 -4.33 -5.68
CA THR C 4 12.78 -3.90 -5.50
C THR C 4 12.34 -4.05 -4.05
#